data_6YKC
#
_entry.id   6YKC
#
_cell.length_a   41.958
_cell.length_b   41.210
_cell.length_c   72.138
_cell.angle_alpha   90.000
_cell.angle_beta   103.860
_cell.angle_gamma   90.000
#
_symmetry.space_group_name_H-M   'P 1 21 1'
#
loop_
_entity.id
_entity.type
_entity.pdbx_description
1 polymer 'Carbonic anhydrase 2'
2 non-polymer 'ZINC ION'
3 non-polymer 'Metala-Carborane di-ethyl-sulfonamide'
4 non-polymer 'CA IX mimic'
5 water water
#
_entity_poly.entity_id   1
_entity_poly.type   'polypeptide(L)'
_entity_poly.pdbx_seq_one_letter_code
;MSHHWGYGKHNGPEHWHKDFPIAKGERQSPVDIDTHTAKYDPSLKPLSVSYDQATSLRILNNGHSFQVTFDDSQDKAVLK
GGPLDGTYRLLQFHFHWGSLDGQGSEHTVDKKKYAAELHLVHWNTKYGDVGKAVQQPDGLAVLGIFLKVGSAKPGLQKVV
DVLDSIKTEGKSADFTNFDPRGLLPESLDYWTYPGSLTTPPLAECVTWIVLKEPISVSSEQVLKFRKLNFNGEGEPEELM
VDNWRPAQPLKNRQIKASFK
;
_entity_poly.pdbx_strand_id   A
#
# COMPACT_ATOMS: atom_id res chain seq x y z
N HIS A 4 -16.67 -14.64 3.61
CA HIS A 4 -15.76 -13.77 2.76
C HIS A 4 -15.53 -12.40 3.39
N TRP A 5 -14.25 -12.11 3.55
CA TRP A 5 -13.80 -10.94 4.30
C TRP A 5 -14.01 -9.64 3.53
N GLY A 6 -14.14 -8.58 4.30
CA GLY A 6 -14.26 -7.25 3.76
C GLY A 6 -13.96 -6.18 4.79
N TYR A 7 -14.65 -5.06 4.62
CA TYR A 7 -14.49 -3.91 5.50
C TYR A 7 -15.76 -3.47 6.21
N GLY A 8 -16.83 -4.24 6.05
CA GLY A 8 -18.09 -3.90 6.70
C GLY A 8 -18.22 -4.36 8.14
N LYS A 9 -19.39 -4.03 8.72
CA LYS A 9 -19.72 -4.40 10.09
C LYS A 9 -19.60 -5.89 10.37
N HIS A 10 -20.02 -6.73 9.44
CA HIS A 10 -20.12 -8.17 9.67
C HIS A 10 -18.95 -8.94 9.15
N ASN A 11 -18.05 -8.29 8.39
CA ASN A 11 -16.92 -9.04 7.82
C ASN A 11 -15.61 -8.26 7.83
N GLY A 12 -15.58 -7.14 8.57
CA GLY A 12 -14.47 -6.25 8.57
C GLY A 12 -13.30 -6.68 9.44
N PRO A 13 -12.33 -5.77 9.63
CA PRO A 13 -11.10 -6.09 10.34
C PRO A 13 -11.25 -6.79 11.68
N GLU A 14 -12.28 -6.46 12.47
CA GLU A 14 -12.39 -7.12 13.77
C GLU A 14 -12.87 -8.57 13.70
N HIS A 15 -13.32 -8.98 12.51
CA HIS A 15 -13.67 -10.35 12.25
C HIS A 15 -12.57 -11.24 11.66
N TRP A 16 -11.52 -10.63 11.09
CA TRP A 16 -10.55 -11.33 10.29
C TRP A 16 -9.83 -12.44 11.02
N HIS A 17 -9.62 -12.28 12.30
CA HIS A 17 -8.90 -13.27 13.09
C HIS A 17 -9.56 -14.66 13.08
N LYS A 18 -10.86 -14.73 12.82
CA LYS A 18 -11.54 -16.04 12.81
C LYS A 18 -11.05 -16.89 11.64
N ASP A 19 -10.87 -16.34 10.45
CA ASP A 19 -10.32 -17.11 9.33
C ASP A 19 -8.78 -17.04 9.28
N PHE A 20 -8.16 -16.01 9.86
CA PHE A 20 -6.73 -15.74 9.80
C PHE A 20 -6.22 -15.41 11.19
N PRO A 21 -5.96 -16.43 12.03
CA PRO A 21 -5.67 -16.13 13.41
C PRO A 21 -4.40 -15.32 13.65
N ILE A 22 -3.53 -15.23 12.63
CA ILE A 22 -2.37 -14.37 12.72
C ILE A 22 -2.72 -12.91 12.84
N ALA A 23 -3.99 -12.58 12.60
CA ALA A 23 -4.50 -11.21 12.82
C ALA A 23 -4.18 -10.67 14.18
N LYS A 24 -4.05 -11.56 15.18
CA LYS A 24 -3.70 -11.18 16.55
C LYS A 24 -2.23 -11.50 16.86
N GLY A 25 -1.38 -11.53 15.81
CA GLY A 25 0.02 -11.89 15.97
C GLY A 25 0.92 -10.77 16.49
N GLU A 26 2.20 -11.05 16.50
CA GLU A 26 3.21 -10.23 17.14
C GLU A 26 3.77 -9.14 16.20
N ARG A 27 3.46 -9.20 14.92
CA ARG A 27 4.05 -8.23 13.98
C ARG A 27 3.05 -7.81 12.88
N GLN A 28 1.87 -7.40 13.36
CA GLN A 28 0.79 -6.98 12.47
C GLN A 28 0.90 -5.49 12.04
N SER A 29 0.35 -5.23 10.87
CA SER A 29 0.35 -3.91 10.27
C SER A 29 -1.08 -3.54 9.89
N PRO A 30 -1.38 -2.24 9.76
CA PRO A 30 -0.51 -1.13 9.99
C PRO A 30 -0.33 -0.83 11.48
N VAL A 31 0.42 0.24 11.75
CA VAL A 31 0.67 0.74 13.12
C VAL A 31 0.62 2.25 13.10
N ASP A 32 0.40 2.81 14.29
CA ASP A 32 0.67 4.23 14.48
C ASP A 32 2.17 4.45 14.59
N ILE A 33 2.63 5.49 13.87
CA ILE A 33 4.03 5.86 13.91
C ILE A 33 4.10 7.06 14.85
N ASP A 34 4.65 6.80 16.03
CA ASP A 34 4.86 7.85 17.02
CA ASP A 34 4.87 7.85 17.04
C ASP A 34 6.21 8.48 16.68
N THR A 35 6.15 9.67 16.11
CA THR A 35 7.34 10.30 15.56
C THR A 35 8.40 10.69 16.56
N HIS A 36 7.97 10.90 17.81
CA HIS A 36 8.87 11.21 18.88
C HIS A 36 9.61 9.99 19.43
N THR A 37 9.00 8.80 19.31
CA THR A 37 9.57 7.55 19.77
C THR A 37 10.38 6.83 18.72
N ALA A 38 10.15 7.12 17.46
CA ALA A 38 10.93 6.47 16.41
C ALA A 38 12.37 6.91 16.52
N LYS A 39 13.32 6.01 16.48
CA LYS A 39 14.71 6.41 16.66
C LYS A 39 15.38 6.56 15.31
N TYR A 40 16.08 7.67 15.18
CA TYR A 40 16.94 7.87 14.04
C TYR A 40 18.04 6.83 14.07
N ASP A 41 18.17 6.15 12.94
CA ASP A 41 19.20 5.11 12.79
C ASP A 41 20.19 5.56 11.70
N PRO A 42 21.36 6.08 12.12
CA PRO A 42 22.35 6.56 11.12
C PRO A 42 22.94 5.46 10.28
N SER A 43 22.79 4.20 10.69
CA SER A 43 23.25 3.08 9.83
C SER A 43 22.29 2.73 8.67
N LEU A 44 21.05 3.24 8.68
CA LEU A 44 20.12 2.97 7.58
C LEU A 44 20.63 3.67 6.33
N LYS A 45 20.59 2.96 5.24
CA LYS A 45 20.97 3.50 3.92
C LYS A 45 19.83 4.28 3.26
N PRO A 46 20.17 5.17 2.30
CA PRO A 46 19.12 5.71 1.46
C PRO A 46 18.47 4.58 0.73
N LEU A 47 17.18 4.76 0.45
CA LEU A 47 16.45 3.82 -0.30
CA LEU A 47 16.42 3.84 -0.36
C LEU A 47 16.87 3.99 -1.77
N SER A 48 16.98 2.89 -2.48
CA SER A 48 17.20 2.88 -3.91
C SER A 48 15.93 2.42 -4.62
N VAL A 49 15.26 3.34 -5.29
CA VAL A 49 14.06 3.03 -6.04
C VAL A 49 14.45 3.08 -7.51
N SER A 50 14.48 1.97 -8.21
CA SER A 50 14.90 1.94 -9.63
C SER A 50 13.72 1.53 -10.50
N TYR A 51 12.92 2.52 -10.89
CA TYR A 51 11.71 2.27 -11.65
C TYR A 51 11.76 2.68 -13.14
N ASP A 52 12.94 3.09 -13.63
CA ASP A 52 13.05 3.50 -15.04
C ASP A 52 12.58 2.49 -16.09
N GLN A 53 12.72 1.19 -15.84
CA GLN A 53 12.35 0.19 -16.83
C GLN A 53 11.07 -0.53 -16.43
N ALA A 54 10.30 0.05 -15.54
CA ALA A 54 9.04 -0.58 -15.18
C ALA A 54 8.14 -0.86 -16.38
N THR A 55 7.45 -2.01 -16.31
CA THR A 55 6.48 -2.37 -17.36
C THR A 55 5.14 -2.68 -16.70
N SER A 56 4.22 -1.69 -16.73
CA SER A 56 2.89 -1.93 -16.20
C SER A 56 2.14 -2.83 -17.21
N LEU A 57 1.19 -3.61 -16.69
CA LEU A 57 0.42 -4.53 -17.54
C LEU A 57 -1.09 -4.23 -17.53
N ARG A 58 -1.70 -4.31 -16.34
CA ARG A 58 -3.13 -4.27 -16.21
C ARG A 58 -3.52 -3.45 -14.98
N ILE A 59 -4.78 -2.99 -15.00
CA ILE A 59 -5.41 -2.40 -13.84
C ILE A 59 -6.65 -3.23 -13.54
N LEU A 60 -6.87 -3.50 -12.25
CA LEU A 60 -7.84 -4.52 -11.88
C LEU A 60 -8.59 -4.06 -10.62
N ASN A 61 -9.93 -4.21 -10.58
CA ASN A 61 -10.75 -4.07 -9.33
C ASN A 61 -10.87 -5.45 -8.75
N ASN A 62 -10.22 -5.62 -7.60
CA ASN A 62 -10.15 -6.94 -6.96
CA ASN A 62 -10.16 -6.95 -6.96
C ASN A 62 -11.20 -7.08 -5.82
N GLY A 63 -12.16 -6.17 -5.75
CA GLY A 63 -13.20 -6.25 -4.71
C GLY A 63 -12.79 -5.70 -3.35
N HIS A 64 -11.49 -5.42 -3.14
CA HIS A 64 -10.98 -4.79 -1.93
CA HIS A 64 -11.03 -4.74 -1.92
C HIS A 64 -10.28 -3.45 -2.19
N SER A 65 -9.76 -3.30 -3.38
CA SER A 65 -9.03 -2.10 -3.81
CA SER A 65 -9.06 -2.09 -3.80
C SER A 65 -8.95 -2.19 -5.32
N PHE A 66 -8.21 -1.28 -5.96
CA PHE A 66 -7.80 -1.49 -7.32
C PHE A 66 -6.28 -1.56 -7.34
N GLN A 67 -5.73 -2.28 -8.32
CA GLN A 67 -4.32 -2.51 -8.38
C GLN A 67 -3.83 -2.37 -9.80
N VAL A 68 -2.64 -1.81 -9.93
CA VAL A 68 -1.91 -1.80 -11.18
C VAL A 68 -0.77 -2.85 -11.06
N THR A 69 -0.75 -3.79 -12.02
CA THR A 69 0.19 -4.92 -11.99
CA THR A 69 0.20 -4.91 -12.01
C THR A 69 1.32 -4.71 -12.99
N PHE A 70 2.50 -5.17 -12.60
CA PHE A 70 3.72 -5.01 -13.37
C PHE A 70 4.26 -6.35 -13.80
N ASP A 71 5.06 -6.37 -14.88
CA ASP A 71 5.87 -7.55 -15.23
C ASP A 71 6.99 -7.69 -14.20
N ASP A 72 6.95 -8.75 -13.38
CA ASP A 72 7.95 -9.04 -12.40
C ASP A 72 8.76 -10.29 -12.77
N SER A 73 8.86 -10.60 -14.06
CA SER A 73 9.61 -11.76 -14.56
C SER A 73 11.09 -11.43 -14.77
N GLN A 74 11.52 -10.18 -14.56
CA GLN A 74 12.93 -9.76 -14.60
C GLN A 74 13.11 -8.60 -13.66
N ASP A 75 14.35 -8.23 -13.36
CA ASP A 75 14.64 -7.07 -12.49
C ASP A 75 14.48 -5.70 -13.24
N LYS A 76 13.26 -5.28 -13.48
CA LYS A 76 12.97 -4.03 -14.21
C LYS A 76 12.62 -2.83 -13.37
N ALA A 77 11.90 -3.09 -12.32
CA ALA A 77 11.52 -2.05 -11.38
C ALA A 77 11.81 -2.64 -10.03
N VAL A 78 12.86 -2.16 -9.37
CA VAL A 78 13.35 -2.80 -8.12
C VAL A 78 13.59 -1.79 -7.02
N LEU A 79 13.40 -2.27 -5.82
CA LEU A 79 13.70 -1.56 -4.60
C LEU A 79 14.87 -2.29 -3.93
N LYS A 80 15.85 -1.51 -3.49
CA LYS A 80 17.05 -2.02 -2.81
C LYS A 80 17.44 -0.98 -1.78
N GLY A 81 18.45 -1.28 -0.99
CA GLY A 81 18.99 -0.33 -0.02
C GLY A 81 18.00 -0.11 1.11
N GLY A 82 18.16 1.04 1.77
CA GLY A 82 17.34 1.29 2.94
C GLY A 82 17.62 0.24 4.00
N PRO A 83 16.56 -0.39 4.53
CA PRO A 83 16.75 -1.44 5.52
C PRO A 83 16.89 -2.82 4.89
N LEU A 84 16.83 -2.90 3.56
CA LEU A 84 16.70 -4.17 2.85
C LEU A 84 18.05 -4.78 2.56
N ASP A 85 18.13 -6.11 2.58
CA ASP A 85 19.29 -6.79 2.00
C ASP A 85 18.74 -7.54 0.76
N GLY A 86 19.39 -7.33 -0.34
CA GLY A 86 18.94 -7.90 -1.56
C GLY A 86 18.04 -7.00 -2.38
N THR A 87 17.49 -7.60 -3.41
CA THR A 87 16.76 -6.92 -4.45
C THR A 87 15.30 -7.33 -4.41
N TYR A 88 14.41 -6.36 -4.46
CA TYR A 88 12.97 -6.63 -4.36
C TYR A 88 12.28 -6.11 -5.62
N ARG A 89 11.58 -6.98 -6.34
CA ARG A 89 10.92 -6.67 -7.61
C ARG A 89 9.53 -6.09 -7.35
N LEU A 90 9.20 -4.99 -8.02
CA LEU A 90 7.83 -4.43 -7.97
C LEU A 90 6.84 -5.37 -8.69
N LEU A 91 5.81 -5.80 -7.95
CA LEU A 91 4.74 -6.58 -8.50
C LEU A 91 3.49 -5.77 -8.84
N GLN A 92 3.09 -4.84 -7.93
CA GLN A 92 1.84 -4.10 -8.12
CA GLN A 92 1.81 -4.16 -8.05
C GLN A 92 1.82 -2.96 -7.14
N PHE A 93 0.93 -2.01 -7.43
CA PHE A 93 0.58 -1.00 -6.42
C PHE A 93 -0.93 -0.96 -6.34
N HIS A 94 -1.40 -0.49 -5.17
CA HIS A 94 -2.84 -0.30 -4.91
C HIS A 94 -2.96 0.78 -3.86
N PHE A 95 -4.21 1.09 -3.53
CA PHE A 95 -4.49 2.19 -2.58
C PHE A 95 -5.51 1.76 -1.54
N HIS A 96 -5.51 2.49 -0.42
CA HIS A 96 -6.55 2.42 0.61
C HIS A 96 -7.03 3.86 0.80
N TRP A 97 -8.37 4.04 0.95
CA TRP A 97 -8.87 5.40 1.08
C TRP A 97 -10.15 5.41 1.87
N GLY A 98 -10.61 6.62 2.17
CA GLY A 98 -11.79 6.83 3.04
C GLY A 98 -13.02 7.28 2.33
N SER A 99 -14.09 7.37 3.11
CA SER A 99 -15.37 7.98 2.68
C SER A 99 -15.30 9.52 2.72
N LEU A 100 -14.39 10.04 3.52
CA LEU A 100 -14.14 11.49 3.71
C LEU A 100 -12.69 11.68 3.88
N ASP A 101 -12.20 12.91 3.71
CA ASP A 101 -10.75 13.13 3.64
C ASP A 101 -10.00 12.90 4.97
N GLY A 102 -10.72 12.90 6.09
CA GLY A 102 -10.12 12.68 7.41
C GLY A 102 -9.83 11.24 7.82
N GLN A 103 -10.03 10.30 6.88
CA GLN A 103 -9.63 8.92 7.14
C GLN A 103 -9.36 8.28 5.80
N GLY A 104 -8.68 7.14 5.86
CA GLY A 104 -8.33 6.41 4.63
C GLY A 104 -6.97 5.75 4.69
N SER A 105 -6.00 6.38 5.34
CA SER A 105 -4.71 5.75 5.47
C SER A 105 -4.80 4.61 6.47
N GLU A 106 -3.86 3.70 6.30
CA GLU A 106 -3.68 2.52 7.20
C GLU A 106 -2.71 2.89 8.29
N HIS A 107 -1.47 3.25 7.92
CA HIS A 107 -0.59 3.86 8.92
C HIS A 107 -1.12 5.20 9.31
N THR A 108 -0.80 5.57 10.53
CA THR A 108 -1.08 6.91 11.05
C THR A 108 0.21 7.49 11.57
N VAL A 109 0.29 8.80 11.68
CA VAL A 109 1.47 9.52 12.15
C VAL A 109 1.08 10.37 13.33
N ASP A 110 1.54 10.03 14.52
CA ASP A 110 1.03 10.70 15.75
C ASP A 110 -0.51 10.75 15.79
N LYS A 111 -1.12 9.64 15.39
CA LYS A 111 -2.54 9.40 15.30
C LYS A 111 -3.25 10.11 14.16
N LYS A 112 -2.50 10.92 13.39
CA LYS A 112 -3.11 11.58 12.24
C LYS A 112 -3.36 10.56 11.12
N LYS A 113 -4.55 10.59 10.56
CA LYS A 113 -4.98 9.80 9.43
C LYS A 113 -4.91 10.69 8.20
N TYR A 114 -4.36 10.14 7.12
CA TYR A 114 -4.38 10.78 5.81
C TYR A 114 -5.59 10.31 5.02
N ALA A 115 -5.92 11.02 3.94
CA ALA A 115 -7.03 10.70 3.11
C ALA A 115 -6.87 9.36 2.37
N ALA A 116 -5.64 8.91 2.11
CA ALA A 116 -5.40 7.66 1.41
C ALA A 116 -3.97 7.27 1.66
N GLU A 117 -3.69 6.04 1.24
CA GLU A 117 -2.33 5.47 1.33
C GLU A 117 -2.10 4.57 0.14
N LEU A 118 -0.97 4.86 -0.55
CA LEU A 118 -0.48 4.07 -1.66
C LEU A 118 0.52 3.06 -1.17
N HIS A 119 0.32 1.80 -1.63
CA HIS A 119 1.24 0.71 -1.33
C HIS A 119 1.85 0.14 -2.61
N LEU A 120 3.16 0.24 -2.72
CA LEU A 120 3.93 -0.40 -3.80
C LEU A 120 4.56 -1.68 -3.23
N VAL A 121 4.09 -2.81 -3.75
CA VAL A 121 4.41 -4.13 -3.19
C VAL A 121 5.54 -4.75 -4.02
N HIS A 122 6.59 -5.14 -3.31
CA HIS A 122 7.77 -5.71 -3.91
C HIS A 122 8.11 -7.03 -3.22
N TRP A 123 8.68 -7.99 -3.96
CA TRP A 123 9.08 -9.28 -3.35
C TRP A 123 10.57 -9.58 -3.57
N ASN A 124 11.14 -10.26 -2.59
CA ASN A 124 12.59 -10.55 -2.56
C ASN A 124 12.96 -11.64 -3.57
N THR A 125 13.79 -11.25 -4.52
CA THR A 125 14.13 -12.15 -5.61
C THR A 125 14.81 -13.45 -5.14
N LYS A 126 15.39 -13.45 -3.94
CA LYS A 126 16.00 -14.66 -3.49
C LYS A 126 15.00 -15.80 -3.27
N TYR A 127 13.72 -15.47 -3.13
CA TYR A 127 12.67 -16.48 -3.01
C TYR A 127 11.96 -16.85 -4.32
N GLY A 128 12.34 -16.20 -5.44
CA GLY A 128 11.91 -16.65 -6.75
C GLY A 128 10.52 -16.27 -7.22
N ASP A 129 9.54 -16.34 -6.34
CA ASP A 129 8.19 -15.92 -6.68
C ASP A 129 7.48 -15.36 -5.43
N VAL A 130 6.43 -14.60 -5.67
CA VAL A 130 5.77 -13.92 -4.59
C VAL A 130 5.10 -14.86 -3.59
N GLY A 131 4.55 -15.99 -4.08
CA GLY A 131 3.93 -16.99 -3.23
C GLY A 131 4.91 -17.54 -2.20
N LYS A 132 6.17 -17.79 -2.63
CA LYS A 132 7.17 -18.28 -1.73
C LYS A 132 7.61 -17.17 -0.80
N ALA A 133 7.71 -15.94 -1.34
CA ALA A 133 8.15 -14.81 -0.53
C ALA A 133 7.20 -14.51 0.65
N VAL A 134 5.89 -14.67 0.44
N VAL A 134 5.89 -14.69 0.39
CA VAL A 134 4.98 -14.38 1.55
CA VAL A 134 4.88 -14.46 1.42
C VAL A 134 5.11 -15.34 2.71
C VAL A 134 5.00 -15.39 2.62
N GLN A 135 5.78 -16.47 2.49
CA GLN A 135 6.05 -17.41 3.58
C GLN A 135 7.34 -17.13 4.35
N GLN A 136 7.99 -16.00 4.10
CA GLN A 136 9.29 -15.68 4.69
C GLN A 136 9.22 -14.36 5.43
N PRO A 137 9.92 -14.25 6.54
CA PRO A 137 9.84 -13.01 7.32
C PRO A 137 10.40 -11.78 6.62
N ASP A 138 11.27 -11.96 5.64
CA ASP A 138 11.85 -10.88 4.82
C ASP A 138 11.45 -11.06 3.34
N GLY A 139 10.25 -11.58 3.09
CA GLY A 139 9.85 -11.87 1.78
C GLY A 139 9.43 -10.68 0.93
N LEU A 140 8.77 -9.68 1.57
CA LEU A 140 8.15 -8.55 0.87
C LEU A 140 8.67 -7.26 1.45
N ALA A 141 8.73 -6.24 0.59
CA ALA A 141 8.95 -4.87 1.03
C ALA A 141 7.83 -4.04 0.43
N VAL A 142 7.10 -3.33 1.29
CA VAL A 142 6.01 -2.47 0.85
C VAL A 142 6.42 -1.06 1.15
N LEU A 143 6.43 -0.26 0.07
CA LEU A 143 6.68 1.16 0.17
C LEU A 143 5.31 1.86 0.29
N GLY A 144 5.12 2.55 1.40
CA GLY A 144 3.86 3.22 1.70
C GLY A 144 4.04 4.72 1.59
N ILE A 145 3.05 5.33 0.94
CA ILE A 145 3.07 6.78 0.64
C ILE A 145 1.69 7.32 1.02
N PHE A 146 1.69 8.34 1.86
CA PHE A 146 0.45 9.00 2.25
C PHE A 146 -0.03 9.97 1.18
N LEU A 147 -1.36 10.07 1.07
CA LEU A 147 -2.01 11.04 0.19
C LEU A 147 -2.80 12.02 1.07
N LYS A 148 -2.58 13.31 0.82
CA LYS A 148 -3.38 14.37 1.36
C LYS A 148 -4.10 15.04 0.19
N VAL A 149 -5.20 15.72 0.51
CA VAL A 149 -5.99 16.41 -0.50
C VAL A 149 -5.60 17.90 -0.59
N GLY A 150 -5.27 18.33 -1.76
CA GLY A 150 -4.94 19.73 -2.05
C GLY A 150 -4.79 19.88 -3.55
N SER A 151 -3.58 20.17 -3.98
CA SER A 151 -3.23 20.24 -5.40
CA SER A 151 -3.26 20.23 -5.41
C SER A 151 -3.27 18.83 -6.05
N ALA A 152 -3.59 18.80 -7.34
CA ALA A 152 -3.62 17.55 -8.10
C ALA A 152 -2.24 16.93 -8.29
N LYS A 153 -2.17 15.59 -8.36
CA LYS A 153 -0.95 14.89 -8.71
C LYS A 153 -1.04 14.51 -10.19
N PRO A 154 -0.27 15.20 -11.07
CA PRO A 154 -0.42 14.90 -12.47
C PRO A 154 -0.16 13.44 -12.85
N GLY A 155 0.82 12.83 -12.20
CA GLY A 155 1.18 11.43 -12.50
C GLY A 155 0.15 10.41 -12.04
N LEU A 156 -0.86 10.81 -11.25
CA LEU A 156 -1.96 9.96 -10.90
C LEU A 156 -3.12 10.00 -11.92
N GLN A 157 -3.18 11.03 -12.77
CA GLN A 157 -4.38 11.25 -13.55
C GLN A 157 -4.67 10.08 -14.50
N LYS A 158 -3.62 9.47 -15.10
CA LYS A 158 -3.86 8.35 -16.03
C LYS A 158 -4.61 7.19 -15.31
N VAL A 159 -4.31 7.04 -14.04
CA VAL A 159 -4.98 6.00 -13.24
C VAL A 159 -6.44 6.38 -13.01
N VAL A 160 -6.68 7.58 -12.53
CA VAL A 160 -8.01 8.13 -12.24
CA VAL A 160 -8.07 7.89 -12.18
C VAL A 160 -8.95 7.97 -13.44
N ASP A 161 -8.40 8.32 -14.60
CA ASP A 161 -9.21 8.36 -15.79
C ASP A 161 -9.68 7.02 -16.33
N VAL A 162 -9.09 5.92 -15.88
CA VAL A 162 -9.56 4.63 -16.33
C VAL A 162 -10.47 3.93 -15.30
N LEU A 163 -10.65 4.51 -14.12
CA LEU A 163 -11.38 3.80 -13.08
C LEU A 163 -12.84 3.55 -13.44
N ASP A 164 -13.45 4.38 -14.30
CA ASP A 164 -14.82 4.11 -14.75
C ASP A 164 -14.96 2.79 -15.51
N SER A 165 -13.87 2.29 -16.06
CA SER A 165 -13.90 1.03 -16.83
C SER A 165 -13.68 -0.22 -15.95
N ILE A 166 -13.40 -0.03 -14.67
CA ILE A 166 -13.22 -1.14 -13.73
C ILE A 166 -14.06 -0.94 -12.47
N LYS A 167 -15.31 -0.51 -12.65
CA LYS A 167 -16.13 -0.05 -11.53
C LYS A 167 -16.39 -1.12 -10.49
N THR A 168 -16.63 -2.33 -10.97
CA THR A 168 -17.08 -3.41 -10.10
C THR A 168 -16.03 -4.56 -10.04
N GLU A 169 -16.15 -5.35 -8.99
CA GLU A 169 -15.22 -6.40 -8.72
C GLU A 169 -15.07 -7.34 -9.88
N GLY A 170 -13.81 -7.68 -10.21
CA GLY A 170 -13.52 -8.60 -11.33
C GLY A 170 -13.21 -7.95 -12.67
N LYS A 171 -13.51 -6.65 -12.78
CA LYS A 171 -13.19 -5.94 -14.00
C LYS A 171 -11.72 -5.53 -14.05
N SER A 172 -11.12 -5.68 -15.23
CA SER A 172 -9.77 -5.24 -15.49
C SER A 172 -9.66 -4.57 -16.85
N ALA A 173 -8.55 -3.88 -17.07
CA ALA A 173 -8.26 -3.19 -18.34
C ALA A 173 -6.78 -3.19 -18.60
N ASP A 174 -6.41 -3.02 -19.90
CA ASP A 174 -5.01 -2.90 -20.18
CA ASP A 174 -5.02 -2.77 -20.30
C ASP A 174 -4.53 -1.58 -19.57
N PHE A 175 -3.32 -1.59 -19.05
CA PHE A 175 -2.77 -0.42 -18.44
C PHE A 175 -1.27 -0.42 -18.62
N THR A 176 -0.88 -0.32 -19.87
CA THR A 176 0.50 -0.31 -20.24
C THR A 176 1.11 1.09 -20.18
N ASN A 177 2.43 1.15 -20.11
CA ASN A 177 3.22 2.40 -20.16
C ASN A 177 2.91 3.38 -19.04
N PHE A 178 2.52 2.87 -17.90
CA PHE A 178 2.33 3.73 -16.74
C PHE A 178 3.64 3.82 -15.96
N ASP A 179 4.08 5.04 -15.61
CA ASP A 179 5.33 5.27 -14.94
C ASP A 179 5.08 5.54 -13.46
N PRO A 180 5.41 4.60 -12.55
CA PRO A 180 5.15 4.85 -11.14
C PRO A 180 6.04 5.87 -10.51
N ARG A 181 7.08 6.33 -11.19
CA ARG A 181 7.86 7.42 -10.66
C ARG A 181 7.02 8.67 -10.46
N GLY A 182 5.93 8.80 -11.23
CA GLY A 182 5.08 9.99 -11.09
C GLY A 182 4.24 10.01 -9.84
N LEU A 183 4.31 8.96 -9.01
CA LEU A 183 3.56 8.89 -7.75
C LEU A 183 4.41 9.19 -6.52
N LEU A 184 5.71 9.49 -6.71
CA LEU A 184 6.63 9.60 -5.59
C LEU A 184 6.79 11.05 -5.16
N PRO A 185 6.91 11.27 -3.86
CA PRO A 185 7.19 12.62 -3.33
C PRO A 185 8.66 12.97 -3.60
N GLU A 186 9.04 14.20 -3.32
CA GLU A 186 10.42 14.63 -3.47
C GLU A 186 11.41 13.86 -2.61
N SER A 187 11.10 13.74 -1.34
CA SER A 187 12.00 13.15 -0.37
C SER A 187 11.72 11.65 -0.24
N LEU A 188 12.78 10.89 -0.09
CA LEU A 188 12.69 9.46 0.25
C LEU A 188 13.02 9.22 1.70
N ASP A 189 12.94 10.24 2.55
CA ASP A 189 13.06 10.02 3.99
C ASP A 189 11.93 9.05 4.45
N TYR A 190 12.24 8.13 5.37
CA TYR A 190 11.28 7.08 5.66
C TYR A 190 11.41 6.63 7.12
N TRP A 191 10.31 5.97 7.55
CA TRP A 191 10.29 5.09 8.71
C TRP A 191 10.25 3.64 8.28
N THR A 192 10.83 2.75 9.11
CA THR A 192 10.76 1.32 8.77
C THR A 192 10.51 0.49 10.02
N TYR A 193 9.81 -0.64 9.81
CA TYR A 193 9.55 -1.57 10.89
C TYR A 193 9.15 -2.91 10.24
N PRO A 194 9.30 -4.02 11.00
CA PRO A 194 8.85 -5.34 10.51
C PRO A 194 7.37 -5.53 10.78
N GLY A 195 6.62 -5.90 9.75
CA GLY A 195 5.18 -6.08 9.89
C GLY A 195 4.59 -7.12 8.97
N SER A 196 3.36 -6.85 8.52
CA SER A 196 2.56 -7.82 7.84
C SER A 196 1.84 -7.24 6.65
N LEU A 197 1.23 -8.14 5.86
CA LEU A 197 0.20 -7.71 4.92
C LEU A 197 -0.92 -7.12 5.74
N THR A 198 -1.57 -6.10 5.22
CA THR A 198 -2.72 -5.44 5.89
C THR A 198 -4.07 -5.98 5.47
N THR A 199 -4.10 -6.92 4.53
CA THR A 199 -5.27 -7.68 4.14
C THR A 199 -4.99 -9.16 4.33
N PRO A 200 -6.04 -9.96 4.55
CA PRO A 200 -5.88 -11.41 4.45
C PRO A 200 -4.97 -11.83 3.30
N PRO A 201 -4.00 -12.71 3.50
CA PRO A 201 -3.88 -13.57 4.68
C PRO A 201 -3.12 -12.98 5.87
N LEU A 202 -2.78 -11.71 5.83
CA LEU A 202 -2.15 -11.04 7.01
C LEU A 202 -0.79 -11.60 7.38
N ALA A 203 -0.13 -12.19 6.38
CA ALA A 203 1.17 -12.85 6.57
C ALA A 203 2.21 -11.91 7.10
N GLU A 204 3.05 -12.37 8.03
CA GLU A 204 4.04 -11.55 8.70
C GLU A 204 5.35 -11.61 7.94
N CYS A 205 5.29 -11.05 6.73
CA CYS A 205 6.40 -11.22 5.74
C CYS A 205 6.93 -9.92 5.20
N VAL A 206 6.51 -8.78 5.82
CA VAL A 206 6.76 -7.48 5.21
C VAL A 206 7.75 -6.62 5.99
N THR A 207 8.75 -6.08 5.27
CA THR A 207 9.50 -4.94 5.75
C THR A 207 8.78 -3.69 5.23
N TRP A 208 8.21 -2.93 6.15
CA TRP A 208 7.49 -1.70 5.82
C TRP A 208 8.48 -0.55 5.69
N ILE A 209 8.31 0.22 4.62
CA ILE A 209 9.07 1.46 4.38
C ILE A 209 8.01 2.53 4.11
N VAL A 210 7.81 3.41 5.09
CA VAL A 210 6.73 4.42 5.00
C VAL A 210 7.39 5.79 4.82
N LEU A 211 7.10 6.43 3.70
CA LEU A 211 7.71 7.73 3.44
C LEU A 211 7.10 8.83 4.32
N LYS A 212 7.97 9.72 4.81
CA LYS A 212 7.52 10.86 5.63
C LYS A 212 6.70 11.88 4.87
N GLU A 213 7.09 12.16 3.65
CA GLU A 213 6.44 13.19 2.86
C GLU A 213 5.26 12.64 2.14
N PRO A 214 4.04 13.18 2.39
CA PRO A 214 2.89 12.79 1.59
CA PRO A 214 2.88 12.80 1.59
C PRO A 214 2.93 13.37 0.18
N ILE A 215 2.17 12.77 -0.74
CA ILE A 215 1.88 13.39 -1.99
C ILE A 215 0.51 14.09 -1.84
N SER A 216 0.33 15.15 -2.61
CA SER A 216 -0.95 15.85 -2.68
CA SER A 216 -0.95 15.84 -2.66
C SER A 216 -1.70 15.36 -3.89
N VAL A 217 -2.99 15.06 -3.73
CA VAL A 217 -3.89 14.76 -4.83
C VAL A 217 -5.07 15.71 -4.75
N SER A 218 -5.83 15.87 -5.84
CA SER A 218 -6.97 16.80 -5.75
C SER A 218 -8.22 16.10 -5.26
N SER A 219 -9.17 16.92 -4.80
CA SER A 219 -10.46 16.39 -4.42
C SER A 219 -11.09 15.62 -5.58
N GLU A 220 -10.97 16.12 -6.82
CA GLU A 220 -11.56 15.42 -7.96
C GLU A 220 -10.91 14.04 -8.18
N GLN A 221 -9.62 13.93 -7.90
CA GLN A 221 -8.94 12.63 -8.06
C GLN A 221 -9.45 11.63 -7.01
N VAL A 222 -9.50 12.05 -5.76
CA VAL A 222 -9.97 11.11 -4.72
C VAL A 222 -11.46 10.78 -4.86
N LEU A 223 -12.27 11.72 -5.36
CA LEU A 223 -13.67 11.45 -5.61
C LEU A 223 -13.86 10.30 -6.60
N LYS A 224 -12.95 10.19 -7.56
CA LYS A 224 -13.04 9.10 -8.52
C LYS A 224 -12.74 7.72 -7.86
N PHE A 225 -11.82 7.68 -6.90
CA PHE A 225 -11.60 6.44 -6.15
C PHE A 225 -12.93 6.02 -5.49
N ARG A 226 -13.66 7.00 -4.93
CA ARG A 226 -14.86 6.73 -4.15
C ARG A 226 -16.07 6.31 -4.96
N LYS A 227 -15.97 6.35 -6.29
CA LYS A 227 -17.01 5.87 -7.16
C LYS A 227 -16.87 4.41 -7.49
N LEU A 228 -15.72 3.82 -7.17
CA LEU A 228 -15.55 2.37 -7.34
C LEU A 228 -16.52 1.61 -6.44
N ASN A 229 -16.75 0.36 -6.73
CA ASN A 229 -17.72 -0.49 -6.02
C ASN A 229 -17.01 -1.70 -5.47
N PHE A 230 -17.31 -2.06 -4.22
CA PHE A 230 -16.87 -3.34 -3.69
C PHE A 230 -17.56 -4.53 -4.39
N ASN A 231 -18.82 -4.35 -4.75
CA ASN A 231 -19.65 -5.36 -5.36
C ASN A 231 -19.31 -5.66 -6.82
N GLY A 232 -19.71 -6.85 -7.22
CA GLY A 232 -19.75 -7.25 -8.62
C GLY A 232 -20.89 -6.62 -9.33
N GLU A 233 -20.75 -6.52 -10.66
CA GLU A 233 -21.83 -6.02 -11.48
C GLU A 233 -23.11 -6.86 -11.25
N GLY A 234 -24.24 -6.18 -11.08
CA GLY A 234 -25.53 -6.84 -10.78
C GLY A 234 -25.89 -6.95 -9.32
N GLU A 235 -24.91 -6.76 -8.43
CA GLU A 235 -25.19 -6.89 -7.00
C GLU A 235 -25.53 -5.50 -6.52
N PRO A 236 -26.16 -5.42 -5.35
CA PRO A 236 -26.45 -4.11 -4.78
C PRO A 236 -25.20 -3.24 -4.67
N GLU A 237 -25.32 -1.95 -5.04
CA GLU A 237 -24.13 -1.10 -5.17
C GLU A 237 -23.67 -0.66 -3.81
N GLU A 238 -22.43 -0.92 -3.49
CA GLU A 238 -21.82 -0.57 -2.22
C GLU A 238 -20.51 0.09 -2.52
N LEU A 239 -20.42 1.41 -2.27
CA LEU A 239 -19.24 2.17 -2.68
C LEU A 239 -17.96 1.57 -2.01
N MET A 240 -16.89 1.45 -2.82
CA MET A 240 -15.56 1.03 -2.35
C MET A 240 -14.94 2.24 -1.67
N VAL A 241 -15.25 2.36 -0.37
CA VAL A 241 -14.70 3.38 0.51
C VAL A 241 -14.37 2.78 1.86
N ASP A 242 -13.45 3.40 2.59
CA ASP A 242 -13.05 2.88 3.91
C ASP A 242 -12.49 1.47 3.88
N ASN A 243 -11.64 1.22 2.88
CA ASN A 243 -10.97 -0.06 2.68
C ASN A 243 -9.62 -0.07 3.34
N TRP A 244 -9.57 0.36 4.59
CA TRP A 244 -8.37 0.48 5.38
C TRP A 244 -8.52 -0.33 6.67
N ARG A 245 -7.45 -1.02 7.05
CA ARG A 245 -7.34 -1.67 8.36
C ARG A 245 -6.82 -0.63 9.35
N PRO A 246 -7.40 -0.56 10.57
CA PRO A 246 -6.90 0.34 11.62
CA PRO A 246 -6.86 0.40 11.53
C PRO A 246 -5.53 -0.06 12.16
N ALA A 247 -4.88 0.85 12.86
CA ALA A 247 -3.60 0.58 13.49
C ALA A 247 -3.73 -0.57 14.49
N GLN A 248 -2.71 -1.44 14.46
CA GLN A 248 -2.62 -2.65 15.29
C GLN A 248 -1.56 -2.44 16.36
N PRO A 249 -1.55 -3.28 17.42
CA PRO A 249 -0.60 -3.13 18.48
C PRO A 249 0.86 -3.23 18.03
N LEU A 250 1.69 -2.31 18.45
CA LEU A 250 3.11 -2.36 18.10
C LEU A 250 3.85 -3.52 18.73
N LYS A 251 3.45 -3.88 19.96
N LYS A 251 3.47 -3.92 19.95
CA LYS A 251 4.08 -4.97 20.70
CA LYS A 251 4.07 -5.11 20.59
C LYS A 251 5.59 -4.72 20.81
C LYS A 251 5.63 -5.10 20.65
N ASN A 252 6.38 -5.78 20.69
N ASN A 252 6.21 -4.00 21.12
CA ASN A 252 7.82 -5.70 20.83
CA ASN A 252 7.66 -3.99 21.40
C ASN A 252 8.51 -5.24 19.55
C ASN A 252 8.62 -3.95 20.17
N ARG A 253 8.09 -4.08 18.95
CA ARG A 253 8.81 -3.57 17.79
C ARG A 253 9.26 -2.14 17.94
N GLN A 254 10.36 -1.84 17.25
CA GLN A 254 10.93 -0.52 17.16
C GLN A 254 10.72 -0.01 15.76
N ILE A 255 10.22 1.21 15.66
CA ILE A 255 10.18 1.90 14.39
C ILE A 255 11.41 2.77 14.28
N LYS A 256 12.12 2.64 13.17
CA LYS A 256 13.37 3.38 12.96
C LYS A 256 13.17 4.44 11.88
N ALA A 257 13.79 5.58 12.04
CA ALA A 257 13.71 6.67 11.08
C ALA A 257 15.03 6.78 10.32
N SER A 258 14.95 7.08 9.02
CA SER A 258 16.16 7.27 8.19
C SER A 258 16.74 8.66 8.33
N PHE A 259 16.03 9.54 9.06
CA PHE A 259 16.29 10.98 9.08
C PHE A 259 16.17 11.49 10.51
N LYS A 260 16.83 12.64 10.75
CA LYS A 260 16.86 13.33 12.06
C LYS A 260 15.83 14.47 12.03
#